data_6Y3M
#
_entry.id   6Y3M
#
_cell.length_a   82.254
_cell.length_b   112.452
_cell.length_c   62.885
_cell.angle_alpha   90.000
_cell.angle_beta   90.000
_cell.angle_gamma   90.000
#
_symmetry.space_group_name_H-M   'C 2 2 21'
#
loop_
_entity.id
_entity.type
_entity.pdbx_description
1 polymer '14-3-3 protein sigma'
2 polymer 'ATPase peptide'
3 non-polymer 'MAGNESIUM ION'
4 non-polymer 'CALCIUM ION'
5 water water
#
loop_
_entity_poly.entity_id
_entity_poly.type
_entity_poly.pdbx_seq_one_letter_code
_entity_poly.pdbx_strand_id
1 'polypeptide(L)'
;GAMGSMERASLIQKAKLAEQAERYEDMAAFMKGAVEKGEELS(CSO)EERNLLSVAYKNVVGGQRAAWRVLSSIEQKSNE
EGSEEKGPEVREYREKVETELQGVCDTVLGLLDSHLIKEAGDAESRVFYLKMKGDYYRYLAEVATGDDKKRIIDSARSAY
QEAMDISKKEMPPTNPIRLGLALNFSVFHYEIANSPEEAISLAKTTFDEAMADLHTLSEDSYKDSTLIMQLLRDNLTLWT
ADNAGEEGGEAPQEPQS
;
A
2 'polypeptide(L)' QSY(TPO)V P
#
# COMPACT_ATOMS: atom_id res chain seq x y z
N GLY A 1 2.10 -22.32 11.94
CA GLY A 1 1.18 -21.71 10.98
C GLY A 1 0.42 -22.77 10.22
N ALA A 2 -0.84 -22.46 9.86
CA ALA A 2 -1.71 -23.46 9.25
C ALA A 2 -1.22 -23.90 7.88
N MET A 3 -0.31 -23.16 7.25
CA MET A 3 0.24 -23.52 5.95
C MET A 3 1.59 -24.22 6.07
N GLY A 4 2.03 -24.50 7.29
CA GLY A 4 3.35 -25.07 7.48
C GLY A 4 3.57 -26.41 6.82
N SER A 5 2.51 -27.18 6.63
CA SER A 5 2.65 -28.50 6.01
C SER A 5 2.50 -28.48 4.49
N MET A 6 2.21 -27.35 3.86
CA MET A 6 2.05 -27.30 2.42
C MET A 6 3.33 -26.85 1.72
N GLU A 7 3.65 -27.49 0.60
CA GLU A 7 4.82 -27.12 -0.19
C GLU A 7 4.77 -25.66 -0.61
N ARG A 8 5.95 -25.02 -0.63
CA ARG A 8 6.03 -23.64 -1.11
C ARG A 8 5.43 -23.49 -2.50
N ALA A 9 5.79 -24.40 -3.43
CA ALA A 9 5.29 -24.27 -4.79
C ALA A 9 3.78 -24.45 -4.84
N SER A 10 3.24 -25.32 -4.00
CA SER A 10 1.80 -25.54 -3.93
C SER A 10 1.08 -24.30 -3.41
N LEU A 11 1.68 -23.63 -2.43
CA LEU A 11 1.11 -22.38 -1.92
C LEU A 11 1.05 -21.32 -3.01
N ILE A 12 2.12 -21.20 -3.81
CA ILE A 12 2.13 -20.23 -4.90
C ILE A 12 1.10 -20.60 -5.96
N GLN A 13 1.03 -21.90 -6.32
CA GLN A 13 0.02 -22.34 -7.27
C GLN A 13 -1.38 -22.00 -6.79
N LYS A 14 -1.66 -22.26 -5.51
CA LYS A 14 -2.99 -21.99 -4.98
C LYS A 14 -3.26 -20.49 -4.84
N ALA A 15 -2.24 -19.68 -4.54
CA ALA A 15 -2.43 -18.24 -4.55
C ALA A 15 -2.93 -17.77 -5.91
N LYS A 16 -2.37 -18.33 -6.99
CA LYS A 16 -2.78 -17.93 -8.33
C LYS A 16 -4.20 -18.39 -8.62
N LEU A 17 -4.57 -19.60 -8.19
CA LEU A 17 -5.95 -20.07 -8.33
C LEU A 17 -6.91 -19.17 -7.56
N ALA A 18 -6.54 -18.83 -6.33
CA ALA A 18 -7.39 -17.95 -5.51
C ALA A 18 -7.58 -16.59 -6.16
N GLU A 19 -6.52 -16.04 -6.76
CA GLU A 19 -6.69 -14.79 -7.51
C GLU A 19 -7.72 -14.95 -8.63
N GLN A 20 -7.64 -16.05 -9.38
CA GLN A 20 -8.59 -16.25 -10.48
C GLN A 20 -10.02 -16.31 -9.96
N ALA A 21 -10.20 -16.92 -8.78
CA ALA A 21 -11.51 -17.05 -8.16
C ALA A 21 -11.91 -15.84 -7.33
N GLU A 22 -11.08 -14.79 -7.30
CA GLU A 22 -11.34 -13.58 -6.51
C GLU A 22 -11.52 -13.90 -5.03
N ARG A 23 -10.73 -14.85 -4.54
CA ARG A 23 -10.74 -15.24 -3.13
C ARG A 23 -9.48 -14.67 -2.49
N TYR A 24 -9.52 -13.37 -2.22
CA TYR A 24 -8.29 -12.65 -1.87
C TYR A 24 -7.83 -12.95 -0.44
N GLU A 25 -8.77 -13.21 0.47
CA GLU A 25 -8.40 -13.68 1.80
C GLU A 25 -7.59 -14.98 1.71
N ASP A 26 -8.09 -15.96 0.95
CA ASP A 26 -7.33 -17.19 0.74
C ASP A 26 -5.98 -16.90 0.10
N MET A 27 -5.99 -16.05 -0.94
CA MET A 27 -4.74 -15.70 -1.62
C MET A 27 -3.73 -15.16 -0.64
N ALA A 28 -4.17 -14.31 0.29
CA ALA A 28 -3.26 -13.70 1.26
C ALA A 28 -2.72 -14.74 2.23
N ALA A 29 -3.59 -15.66 2.70
CA ALA A 29 -3.11 -16.71 3.59
C ALA A 29 -2.10 -17.61 2.90
N PHE A 30 -2.33 -17.93 1.62
CA PHE A 30 -1.37 -18.74 0.89
C PHE A 30 -0.04 -18.03 0.74
N MET A 31 -0.06 -16.74 0.40
CA MET A 31 1.20 -16.01 0.23
C MET A 31 1.90 -15.79 1.56
N LYS A 32 1.16 -15.57 2.64
CA LYS A 32 1.78 -15.53 3.96
C LYS A 32 2.49 -16.85 4.25
N GLY A 33 1.84 -17.98 3.97
CA GLY A 33 2.51 -19.26 4.14
C GLY A 33 3.77 -19.39 3.30
N ALA A 34 3.73 -18.89 2.06
CA ALA A 34 4.92 -18.93 1.20
C ALA A 34 6.04 -18.08 1.78
N VAL A 35 5.73 -16.86 2.25
CA VAL A 35 6.76 -16.03 2.87
C VAL A 35 7.38 -16.75 4.06
N GLU A 36 6.55 -17.40 4.88
CA GLU A 36 7.05 -18.04 6.09
C GLU A 36 7.88 -19.28 5.81
N LYS A 37 7.98 -19.73 4.55
CA LYS A 37 8.98 -20.76 4.23
C LYS A 37 10.40 -20.25 4.38
N GLY A 38 10.60 -18.93 4.39
CA GLY A 38 11.90 -18.35 4.70
C GLY A 38 12.74 -17.99 3.51
N GLU A 39 12.37 -18.42 2.31
CA GLU A 39 13.14 -18.08 1.12
C GLU A 39 12.72 -16.71 0.58
N GLU A 40 13.65 -16.06 -0.12
CA GLU A 40 13.29 -14.79 -0.75
C GLU A 40 12.23 -15.02 -1.82
N LEU A 41 11.52 -13.94 -2.17
CA LEU A 41 10.44 -14.00 -3.14
C LEU A 41 10.95 -13.48 -4.48
N SER A 42 10.55 -14.16 -5.54
CA SER A 42 10.79 -13.68 -6.89
C SER A 42 9.90 -12.47 -7.19
N GLU A 44 7.55 -12.08 -9.49
CA GLU A 44 6.16 -12.54 -9.60
C GLU A 44 5.54 -12.82 -8.23
N GLU A 45 6.31 -13.46 -7.34
CA GLU A 45 5.79 -13.81 -6.02
C GLU A 45 5.55 -12.56 -5.16
N ARG A 46 6.46 -11.58 -5.24
CA ARG A 46 6.22 -10.33 -4.52
C ARG A 46 4.92 -9.69 -4.96
N ASN A 47 4.64 -9.72 -6.26
CA ASN A 47 3.43 -9.09 -6.74
C ASN A 47 2.19 -9.91 -6.38
N LEU A 48 2.31 -11.23 -6.24
CA LEU A 48 1.17 -12.00 -5.70
C LEU A 48 0.89 -11.59 -4.26
N LEU A 49 1.94 -11.45 -3.45
CA LEU A 49 1.77 -11.01 -2.07
C LEU A 49 1.08 -9.65 -1.99
N SER A 50 1.55 -8.69 -2.79
CA SER A 50 0.98 -7.35 -2.70
C SER A 50 -0.46 -7.30 -3.22
N VAL A 51 -0.75 -7.99 -4.32
CA VAL A 51 -2.12 -8.04 -4.85
C VAL A 51 -3.07 -8.58 -3.79
N ALA A 52 -2.67 -9.68 -3.14
CA ALA A 52 -3.55 -10.33 -2.17
C ALA A 52 -3.89 -9.38 -1.02
N TYR A 53 -2.88 -8.84 -0.36
CA TYR A 53 -3.18 -8.01 0.81
C TYR A 53 -3.79 -6.68 0.40
N LYS A 54 -3.45 -6.16 -0.78
CA LYS A 54 -4.05 -4.90 -1.22
C LYS A 54 -5.55 -5.03 -1.36
N ASN A 55 -6.02 -6.18 -1.89
CA ASN A 55 -7.46 -6.40 -2.03
C ASN A 55 -8.12 -6.61 -0.69
N VAL A 56 -7.47 -7.35 0.22
CA VAL A 56 -8.07 -7.57 1.53
C VAL A 56 -8.20 -6.25 2.28
N VAL A 57 -7.10 -5.50 2.40
CA VAL A 57 -7.16 -4.26 3.17
C VAL A 57 -7.98 -3.22 2.43
N GLY A 58 -8.06 -3.31 1.10
CA GLY A 58 -8.89 -2.37 0.36
C GLY A 58 -10.35 -2.51 0.72
N GLY A 59 -10.83 -3.74 0.83
CA GLY A 59 -12.20 -3.95 1.28
C GLY A 59 -12.44 -3.46 2.70
N GLN A 60 -11.47 -3.68 3.59
CA GLN A 60 -11.61 -3.20 4.96
C GLN A 60 -11.63 -1.68 5.02
N ARG A 61 -10.77 -1.02 4.25
CA ARG A 61 -10.75 0.44 4.25
C ARG A 61 -12.07 1.00 3.73
N ALA A 62 -12.61 0.40 2.67
CA ALA A 62 -13.88 0.87 2.15
C ALA A 62 -14.98 0.73 3.19
N ALA A 63 -15.02 -0.41 3.89
CA ALA A 63 -16.03 -0.63 4.91
C ALA A 63 -15.84 0.34 6.07
N TRP A 64 -14.60 0.54 6.50
CA TRP A 64 -14.31 1.47 7.59
C TRP A 64 -14.80 2.87 7.24
N ARG A 65 -14.62 3.30 5.99
CA ARG A 65 -15.04 4.65 5.63
C ARG A 65 -16.56 4.79 5.67
N VAL A 66 -17.29 3.76 5.20
CA VAL A 66 -18.74 3.79 5.29
C VAL A 66 -19.18 3.92 6.73
N LEU A 67 -18.61 3.11 7.61
CA LEU A 67 -19.01 3.11 9.01
C LEU A 67 -18.59 4.40 9.71
N SER A 68 -17.38 4.91 9.40
CA SER A 68 -16.95 6.16 10.00
C SER A 68 -17.88 7.31 9.61
N SER A 69 -18.36 7.31 8.37
CA SER A 69 -19.25 8.38 7.94
C SER A 69 -20.59 8.29 8.67
N ILE A 70 -21.10 7.08 8.85
CA ILE A 70 -22.33 6.90 9.63
C ILE A 70 -22.11 7.39 11.06
N GLU A 71 -20.96 7.05 11.63
CA GLU A 71 -20.67 7.44 13.01
C GLU A 71 -20.58 8.95 13.13
N GLN A 72 -19.95 9.61 12.17
CA GLN A 72 -19.81 11.06 12.25
C GLN A 72 -21.16 11.75 12.13
N LYS A 73 -22.05 11.24 11.28
CA LYS A 73 -23.37 11.82 11.19
C LYS A 73 -24.15 11.62 12.48
N SER A 74 -23.96 10.49 13.15
CA SER A 74 -24.65 10.22 14.40
C SER A 74 -24.25 11.20 15.50
N ASN A 75 -23.10 11.85 15.37
CA ASN A 75 -22.60 12.77 16.38
C ASN A 75 -22.80 14.23 15.99
N GLU A 76 -23.70 14.49 15.04
CA GLU A 76 -24.09 15.85 14.71
C GLU A 76 -25.26 16.28 15.59
N GLU A 77 -25.43 17.60 15.71
CA GLU A 77 -26.53 18.14 16.50
C GLU A 77 -27.87 17.81 15.82
N GLY A 78 -28.80 17.26 16.59
CA GLY A 78 -30.11 16.91 16.08
C GLY A 78 -30.28 15.45 15.71
N SER A 79 -29.18 14.71 15.57
CA SER A 79 -29.28 13.29 15.31
C SER A 79 -29.70 12.55 16.57
N GLU A 80 -30.63 11.62 16.40
CA GLU A 80 -31.14 10.84 17.53
C GLU A 80 -30.06 9.90 18.04
N GLU A 81 -30.01 9.73 19.36
CA GLU A 81 -29.07 8.78 19.97
C GLU A 81 -29.49 7.36 19.63
N LYS A 82 -28.54 6.54 19.20
CA LYS A 82 -28.83 5.17 18.81
C LYS A 82 -28.06 4.14 19.60
N GLY A 83 -27.30 4.54 20.62
CA GLY A 83 -26.56 3.61 21.43
C GLY A 83 -25.16 3.39 20.91
N PRO A 84 -24.45 2.42 21.49
CA PRO A 84 -23.02 2.23 21.18
C PRO A 84 -22.75 1.43 19.92
N GLU A 85 -23.77 0.96 19.21
CA GLU A 85 -23.57 -0.08 18.20
C GLU A 85 -22.73 0.41 17.02
N VAL A 86 -22.96 1.65 16.56
CA VAL A 86 -22.21 2.15 15.42
C VAL A 86 -20.72 2.22 15.76
N ARG A 87 -20.40 2.82 16.91
CA ARG A 87 -19.00 2.89 17.35
C ARG A 87 -18.41 1.49 17.51
N GLU A 88 -19.17 0.58 18.15
CA GLU A 88 -18.66 -0.77 18.37
C GLU A 88 -18.31 -1.45 17.05
N TYR A 89 -19.22 -1.37 16.07
CA TYR A 89 -18.98 -2.09 14.82
C TYR A 89 -17.87 -1.43 14.01
N ARG A 90 -17.81 -0.10 13.99
CA ARG A 90 -16.66 0.58 13.38
C ARG A 90 -15.36 0.14 14.04
N GLU A 91 -15.35 0.04 15.38
CA GLU A 91 -14.15 -0.44 16.09
C GLU A 91 -13.81 -1.87 15.70
N LYS A 92 -14.82 -2.72 15.50
CA LYS A 92 -14.56 -4.10 15.10
C LYS A 92 -13.85 -4.16 13.75
N VAL A 93 -14.38 -3.43 12.77
CA VAL A 93 -13.75 -3.41 11.45
C VAL A 93 -12.36 -2.77 11.53
N GLU A 94 -12.25 -1.68 12.30
CA GLU A 94 -10.96 -1.02 12.48
C GLU A 94 -9.92 -1.97 13.06
N THR A 95 -10.30 -2.76 14.06
CA THR A 95 -9.35 -3.67 14.68
C THR A 95 -8.91 -4.76 13.71
N GLU A 96 -9.84 -5.25 12.88
CA GLU A 96 -9.49 -6.25 11.87
C GLU A 96 -8.54 -5.66 10.84
N LEU A 97 -8.81 -4.43 10.41
CA LEU A 97 -7.93 -3.73 9.47
C LEU A 97 -6.52 -3.56 10.06
N GLN A 98 -6.44 -3.10 11.31
CA GLN A 98 -5.14 -2.95 11.95
C GLN A 98 -4.43 -4.29 12.05
N GLY A 99 -5.17 -5.38 12.26
CA GLY A 99 -4.55 -6.69 12.31
C GLY A 99 -3.92 -7.10 11.00
N VAL A 100 -4.60 -6.81 9.89
CA VAL A 100 -4.04 -7.12 8.57
C VAL A 100 -2.78 -6.29 8.34
N CYS A 101 -2.82 -5.00 8.67
CA CYS A 101 -1.62 -4.17 8.50
C CYS A 101 -0.48 -4.69 9.36
N ASP A 102 -0.76 -5.06 10.60
CA ASP A 102 0.30 -5.60 11.46
C ASP A 102 0.85 -6.89 10.90
N THR A 103 -0.01 -7.73 10.31
CA THR A 103 0.46 -8.96 9.69
C THR A 103 1.44 -8.67 8.55
N VAL A 104 1.06 -7.76 7.66
CA VAL A 104 1.94 -7.43 6.54
C VAL A 104 3.25 -6.83 7.05
N LEU A 105 3.16 -5.87 7.97
CA LEU A 105 4.36 -5.25 8.52
C LEU A 105 5.22 -6.29 9.23
N GLY A 106 4.59 -7.27 9.87
CA GLY A 106 5.34 -8.36 10.48
C GLY A 106 6.12 -9.18 9.47
N LEU A 107 5.51 -9.48 8.32
CA LEU A 107 6.21 -10.24 7.29
C LEU A 107 7.39 -9.46 6.73
N LEU A 108 7.21 -8.15 6.53
CA LEU A 108 8.31 -7.32 6.05
C LEU A 108 9.45 -7.28 7.05
N ASP A 109 9.12 -7.24 8.34
CA ASP A 109 10.14 -7.16 9.38
C ASP A 109 10.77 -8.51 9.70
N SER A 110 10.10 -9.62 9.36
CA SER A 110 10.58 -10.97 9.67
C SER A 110 10.31 -11.90 8.49
N HIS A 111 11.16 -11.86 7.45
CA HIS A 111 12.43 -11.11 7.40
C HIS A 111 12.66 -10.60 5.98
N LEU A 112 11.58 -10.18 5.31
CA LEU A 112 11.68 -9.85 3.89
C LEU A 112 12.63 -8.69 3.63
N ILE A 113 12.49 -7.60 4.38
CA ILE A 113 13.29 -6.40 4.08
C ILE A 113 14.77 -6.67 4.33
N LYS A 114 15.12 -7.33 5.44
CA LYS A 114 16.54 -7.46 5.75
C LYS A 114 17.28 -8.37 4.77
N GLU A 115 16.58 -9.24 4.04
CA GLU A 115 17.25 -10.06 3.05
C GLU A 115 17.20 -9.48 1.64
N ALA A 116 16.49 -8.36 1.44
CA ALA A 116 16.28 -7.80 0.10
C ALA A 116 17.45 -6.87 -0.24
N GLY A 117 18.28 -7.30 -1.18
CA GLY A 117 19.46 -6.53 -1.53
C GLY A 117 19.38 -5.83 -2.87
N ASP A 118 18.62 -6.38 -3.81
CA ASP A 118 18.46 -5.74 -5.11
C ASP A 118 17.49 -4.58 -4.99
N ALA A 119 17.69 -3.56 -5.82
CA ALA A 119 16.84 -2.38 -5.72
C ALA A 119 15.36 -2.72 -5.95
N GLU A 120 15.07 -3.60 -6.91
CA GLU A 120 13.69 -3.89 -7.25
C GLU A 120 12.95 -4.52 -6.09
N SER A 121 13.62 -5.38 -5.31
CA SER A 121 12.95 -5.95 -4.15
C SER A 121 12.93 -4.99 -2.96
N ARG A 122 14.07 -4.34 -2.68
CA ARG A 122 14.14 -3.47 -1.51
C ARG A 122 13.16 -2.30 -1.63
N VAL A 123 13.12 -1.66 -2.80
CA VAL A 123 12.17 -0.55 -2.99
C VAL A 123 10.73 -1.04 -2.90
N PHE A 124 10.44 -2.20 -3.50
CA PHE A 124 9.09 -2.78 -3.41
C PHE A 124 8.66 -2.97 -1.96
N TYR A 125 9.53 -3.57 -1.14
CA TYR A 125 9.14 -3.87 0.24
C TYR A 125 9.04 -2.59 1.07
N LEU A 126 9.94 -1.63 0.84
CA LEU A 126 9.86 -0.38 1.60
C LEU A 126 8.61 0.42 1.22
N LYS A 127 8.22 0.39 -0.06
CA LYS A 127 6.95 0.99 -0.46
C LYS A 127 5.80 0.32 0.28
N MET A 128 5.81 -1.01 0.34
CA MET A 128 4.78 -1.74 1.07
C MET A 128 4.75 -1.32 2.55
N LYS A 129 5.93 -1.17 3.17
CA LYS A 129 5.97 -0.73 4.56
C LYS A 129 5.36 0.65 4.71
N GLY A 130 5.71 1.59 3.82
CA GLY A 130 5.08 2.89 3.84
C GLY A 130 3.57 2.81 3.64
N ASP A 131 3.12 1.98 2.70
CA ASP A 131 1.69 1.85 2.41
C ASP A 131 0.93 1.37 3.64
N TYR A 132 1.44 0.33 4.31
CA TYR A 132 0.62 -0.25 5.39
C TYR A 132 0.71 0.59 6.66
N TYR A 133 1.80 1.35 6.87
CA TYR A 133 1.75 2.37 7.92
C TYR A 133 0.80 3.49 7.53
N ARG A 134 0.71 3.84 6.24
CA ARG A 134 -0.27 4.82 5.80
C ARG A 134 -1.70 4.37 6.13
N TYR A 135 -2.00 3.08 5.92
CA TYR A 135 -3.36 2.62 6.21
C TYR A 135 -3.62 2.64 7.71
N LEU A 136 -2.60 2.31 8.52
CA LEU A 136 -2.73 2.49 9.95
C LEU A 136 -2.98 3.96 10.30
N ALA A 137 -2.30 4.86 9.61
CA ALA A 137 -2.46 6.29 9.89
C ALA A 137 -3.87 6.77 9.56
N GLU A 138 -4.50 6.18 8.55
CA GLU A 138 -5.83 6.62 8.13
C GLU A 138 -6.86 6.46 9.25
N VAL A 139 -6.66 5.49 10.15
CA VAL A 139 -7.59 5.22 11.23
C VAL A 139 -7.06 5.63 12.58
N ALA A 140 -5.82 6.12 12.65
CA ALA A 140 -5.20 6.49 13.92
C ALA A 140 -5.78 7.78 14.46
N THR A 141 -6.07 7.80 15.76
CA THR A 141 -6.58 8.99 16.44
C THR A 141 -5.94 9.22 17.79
N GLY A 142 -5.00 8.40 18.22
CA GLY A 142 -4.47 8.43 19.56
C GLY A 142 -3.10 9.05 19.67
N ASP A 143 -2.43 8.76 20.79
CA ASP A 143 -1.14 9.37 21.11
C ASP A 143 0.00 8.86 20.24
N ASP A 144 -0.21 7.80 19.47
CA ASP A 144 0.81 7.29 18.58
C ASP A 144 0.58 7.68 17.12
N LYS A 145 -0.43 8.50 16.84
CA LYS A 145 -0.71 8.88 15.45
C LYS A 145 0.49 9.57 14.81
N LYS A 146 1.17 10.44 15.55
CA LYS A 146 2.33 11.10 14.96
C LYS A 146 3.43 10.10 14.66
N ARG A 147 3.64 9.12 15.54
CA ARG A 147 4.69 8.13 15.30
C ARG A 147 4.33 7.20 14.14
N ILE A 148 3.05 6.88 13.99
CA ILE A 148 2.64 6.06 12.86
C ILE A 148 2.88 6.80 11.55
N ILE A 149 2.51 8.09 11.52
CA ILE A 149 2.76 8.91 10.35
C ILE A 149 4.24 8.98 10.02
N ASP A 150 5.09 9.16 11.04
CA ASP A 150 6.51 9.25 10.77
C ASP A 150 7.10 7.91 10.32
N SER A 151 6.52 6.79 10.78
CA SER A 151 6.94 5.49 10.29
C SER A 151 6.64 5.33 8.81
N ALA A 152 5.46 5.77 8.37
CA ALA A 152 5.15 5.75 6.94
C ALA A 152 6.12 6.64 6.18
N ARG A 153 6.29 7.88 6.64
N ARG A 153 6.28 7.88 6.64
CA ARG A 153 7.19 8.81 5.97
CA ARG A 153 7.19 8.82 5.98
C ARG A 153 8.61 8.25 5.87
C ARG A 153 8.60 8.24 5.86
N SER A 154 9.12 7.65 6.94
CA SER A 154 10.48 7.14 6.94
C SER A 154 10.66 6.01 5.93
N ALA A 155 9.68 5.10 5.85
CA ALA A 155 9.78 4.00 4.90
C ALA A 155 9.73 4.50 3.47
N TYR A 156 8.77 5.39 3.17
CA TYR A 156 8.68 5.97 1.83
C TYR A 156 9.97 6.71 1.48
N GLN A 157 10.53 7.44 2.43
CA GLN A 157 11.72 8.24 2.13
C GLN A 157 12.91 7.35 1.79
N GLU A 158 13.12 6.28 2.56
CA GLU A 158 14.21 5.36 2.23
C GLU A 158 14.00 4.73 0.86
N ALA A 159 12.76 4.31 0.56
CA ALA A 159 12.46 3.75 -0.75
C ALA A 159 12.74 4.76 -1.86
N MET A 160 12.36 6.02 -1.63
CA MET A 160 12.60 7.06 -2.65
C MET A 160 14.09 7.25 -2.85
N ASP A 161 14.85 7.29 -1.76
CA ASP A 161 16.29 7.52 -1.89
C ASP A 161 16.95 6.42 -2.72
N ILE A 162 16.62 5.15 -2.45
CA ILE A 162 17.17 4.05 -3.24
C ILE A 162 16.69 4.12 -4.68
N SER A 163 15.39 4.41 -4.90
CA SER A 163 14.86 4.37 -6.26
C SER A 163 15.49 5.45 -7.13
N LYS A 164 15.78 6.62 -6.56
CA LYS A 164 16.43 7.69 -7.31
C LYS A 164 17.83 7.29 -7.72
N LYS A 165 18.54 6.59 -6.84
CA LYS A 165 19.92 6.22 -7.09
C LYS A 165 20.01 5.03 -8.06
N GLU A 166 19.07 4.07 -8.00
CA GLU A 166 19.27 2.76 -8.64
C GLU A 166 18.32 2.43 -9.78
N MET A 167 17.25 3.20 -10.00
CA MET A 167 16.26 2.88 -11.02
C MET A 167 16.09 4.04 -11.97
N PRO A 168 15.74 3.77 -13.23
CA PRO A 168 15.41 4.85 -14.14
C PRO A 168 14.09 5.50 -13.74
N PRO A 169 13.85 6.74 -14.15
CA PRO A 169 12.64 7.46 -13.74
C PRO A 169 11.35 6.85 -14.26
N THR A 170 11.42 5.93 -15.23
CA THR A 170 10.24 5.26 -15.76
C THR A 170 9.96 3.93 -15.10
N ASN A 171 10.80 3.47 -14.20
CA ASN A 171 10.60 2.18 -13.59
C ASN A 171 9.23 2.13 -12.89
N PRO A 172 8.39 1.15 -13.19
CA PRO A 172 7.03 1.16 -12.61
C PRO A 172 7.00 1.12 -11.09
N ILE A 173 7.97 0.45 -10.45
CA ILE A 173 8.02 0.46 -8.99
C ILE A 173 8.34 1.86 -8.48
N ARG A 174 9.35 2.50 -9.07
CA ARG A 174 9.67 3.88 -8.72
C ARG A 174 8.47 4.79 -8.93
N LEU A 175 7.76 4.62 -10.05
CA LEU A 175 6.60 5.48 -10.31
C LEU A 175 5.48 5.25 -9.31
N GLY A 176 5.17 3.99 -9.00
CA GLY A 176 4.10 3.72 -8.06
C GLY A 176 4.44 4.16 -6.65
N LEU A 177 5.73 4.05 -6.29
CA LEU A 177 6.18 4.56 -5.01
C LEU A 177 5.96 6.06 -4.91
N ALA A 178 6.40 6.80 -5.94
CA ALA A 178 6.21 8.25 -5.94
C ALA A 178 4.74 8.63 -5.93
N LEU A 179 3.92 7.92 -6.72
CA LEU A 179 2.47 8.12 -6.67
C LEU A 179 1.94 8.03 -5.25
N ASN A 180 2.27 6.93 -4.56
CA ASN A 180 1.70 6.70 -3.24
C ASN A 180 2.27 7.65 -2.19
N PHE A 181 3.56 7.98 -2.30
CA PHE A 181 4.15 8.96 -1.39
C PHE A 181 3.50 10.33 -1.57
N SER A 182 3.19 10.70 -2.81
CA SER A 182 2.50 11.97 -3.03
C SER A 182 1.13 11.95 -2.36
N VAL A 183 0.42 10.81 -2.42
CA VAL A 183 -0.88 10.71 -1.76
C VAL A 183 -0.72 10.78 -0.24
N PHE A 184 0.34 10.16 0.28
CA PHE A 184 0.67 10.31 1.70
C PHE A 184 0.80 11.79 2.08
N HIS A 185 1.53 12.56 1.27
CA HIS A 185 1.65 13.99 1.56
C HIS A 185 0.30 14.68 1.56
N TYR A 186 -0.56 14.36 0.58
CA TYR A 186 -1.81 15.07 0.42
C TYR A 186 -2.82 14.68 1.50
N GLU A 187 -2.94 13.38 1.77
CA GLU A 187 -4.03 12.87 2.59
C GLU A 187 -3.66 12.66 4.05
N ILE A 188 -2.39 12.42 4.36
CA ILE A 188 -1.95 12.05 5.70
C ILE A 188 -1.16 13.17 6.36
N ALA A 189 -0.19 13.73 5.64
CA ALA A 189 0.75 14.69 6.22
C ALA A 189 0.31 16.14 6.11
N ASN A 190 -0.88 16.41 5.58
CA ASN A 190 -1.38 17.79 5.46
C ASN A 190 -0.40 18.65 4.67
N SER A 191 0.21 18.07 3.62
CA SER A 191 1.20 18.75 2.80
C SER A 191 0.81 18.70 1.34
N PRO A 192 -0.28 19.34 0.95
CA PRO A 192 -0.71 19.28 -0.46
C PRO A 192 0.30 19.88 -1.43
N GLU A 193 1.05 20.91 -1.03
CA GLU A 193 2.04 21.46 -1.96
C GLU A 193 3.14 20.45 -2.23
N GLU A 194 3.59 19.73 -1.20
CA GLU A 194 4.59 18.69 -1.41
C GLU A 194 4.04 17.57 -2.29
N ALA A 195 2.77 17.21 -2.08
CA ALA A 195 2.12 16.20 -2.91
C ALA A 195 2.13 16.61 -4.38
N ILE A 196 1.75 17.87 -4.66
CA ILE A 196 1.66 18.33 -6.04
C ILE A 196 3.05 18.42 -6.66
N SER A 197 4.02 18.95 -5.91
CA SER A 197 5.38 19.05 -6.43
CA SER A 197 5.38 19.05 -6.44
C SER A 197 5.95 17.68 -6.76
N LEU A 198 5.76 16.71 -5.86
CA LEU A 198 6.29 15.38 -6.13
C LEU A 198 5.63 14.76 -7.36
N ALA A 199 4.31 14.86 -7.47
CA ALA A 199 3.62 14.27 -8.62
C ALA A 199 4.09 14.89 -9.92
N LYS A 200 4.24 16.21 -9.95
CA LYS A 200 4.62 16.91 -11.19
C LYS A 200 6.05 16.55 -11.59
N THR A 201 6.99 16.62 -10.64
CA THR A 201 8.38 16.29 -10.95
C THR A 201 8.52 14.83 -11.39
N THR A 202 7.80 13.93 -10.72
CA THR A 202 7.86 12.52 -11.11
C THR A 202 7.36 12.32 -12.53
N PHE A 203 6.23 12.94 -12.86
CA PHE A 203 5.65 12.83 -14.20
C PHE A 203 6.62 13.37 -15.25
N ASP A 204 7.17 14.57 -15.02
CA ASP A 204 8.02 15.20 -16.02
C ASP A 204 9.31 14.41 -16.23
N GLU A 205 9.90 13.87 -15.17
CA GLU A 205 11.14 13.13 -15.34
C GLU A 205 10.89 11.78 -16.01
N ALA A 206 9.72 11.19 -15.79
CA ALA A 206 9.38 9.97 -16.51
C ALA A 206 9.15 10.26 -17.99
N MET A 207 8.41 11.33 -18.30
CA MET A 207 8.17 11.71 -19.69
C MET A 207 9.46 11.79 -20.48
N ALA A 208 10.49 12.40 -19.89
CA ALA A 208 11.75 12.60 -20.60
C ALA A 208 12.54 11.32 -20.80
N ASP A 209 12.16 10.23 -20.15
CA ASP A 209 12.86 8.95 -20.25
C ASP A 209 12.10 7.93 -21.08
N LEU A 210 10.88 8.25 -21.52
CA LEU A 210 10.07 7.28 -22.26
C LEU A 210 10.74 6.87 -23.56
N HIS A 211 11.58 7.73 -24.15
CA HIS A 211 12.16 7.43 -25.44
C HIS A 211 13.11 6.23 -25.40
N THR A 212 13.56 5.83 -24.21
CA THR A 212 14.50 4.72 -24.05
C THR A 212 13.82 3.36 -24.06
N LEU A 213 12.49 3.32 -24.02
CA LEU A 213 11.74 2.12 -23.68
C LEU A 213 11.19 1.40 -24.90
N SER A 214 11.04 0.08 -24.74
CA SER A 214 10.28 -0.72 -25.69
C SER A 214 8.80 -0.40 -25.60
N GLU A 215 8.03 -0.89 -26.60
CA GLU A 215 6.60 -0.65 -26.59
C GLU A 215 5.96 -1.17 -25.30
N ASP A 216 6.37 -2.35 -24.85
CA ASP A 216 5.72 -2.93 -23.68
C ASP A 216 6.10 -2.20 -22.39
N SER A 217 7.37 -1.79 -22.24
CA SER A 217 7.74 -0.99 -21.07
C SER A 217 7.07 0.38 -21.11
N TYR A 218 6.95 0.96 -22.31
CA TYR A 218 6.23 2.22 -22.47
C TYR A 218 4.80 2.11 -21.94
N LYS A 219 4.11 1.02 -22.26
CA LYS A 219 2.74 0.83 -21.77
C LYS A 219 2.71 0.75 -20.25
N ASP A 220 3.62 -0.02 -19.65
CA ASP A 220 3.65 -0.14 -18.19
C ASP A 220 3.87 1.21 -17.52
N SER A 221 4.80 2.00 -18.05
CA SER A 221 5.16 3.25 -17.42
C SER A 221 4.07 4.30 -17.59
N THR A 222 3.52 4.43 -18.80
CA THR A 222 2.53 5.47 -19.04
C THR A 222 1.24 5.22 -18.26
N LEU A 223 0.94 3.95 -17.97
CA LEU A 223 -0.26 3.67 -17.17
C LEU A 223 -0.16 4.32 -15.79
N ILE A 224 1.01 4.23 -15.17
CA ILE A 224 1.16 4.84 -13.84
C ILE A 224 1.32 6.35 -13.96
N MET A 225 1.95 6.84 -15.02
CA MET A 225 2.03 8.29 -15.22
C MET A 225 0.64 8.90 -15.32
N GLN A 226 -0.32 8.17 -15.92
CA GLN A 226 -1.68 8.68 -16.01
C GLN A 226 -2.31 8.85 -14.63
N LEU A 227 -1.98 7.96 -13.69
CA LEU A 227 -2.50 8.11 -12.34
C LEU A 227 -1.92 9.34 -11.65
N LEU A 228 -0.64 9.65 -11.91
CA LEU A 228 -0.07 10.90 -11.39
C LEU A 228 -0.85 12.10 -11.92
N ARG A 229 -1.15 12.08 -13.21
CA ARG A 229 -1.91 13.17 -13.82
C ARG A 229 -3.33 13.22 -13.27
N ASP A 230 -3.95 12.06 -13.07
CA ASP A 230 -5.31 12.05 -12.51
C ASP A 230 -5.34 12.68 -11.13
N ASN A 231 -4.32 12.40 -10.29
CA ASN A 231 -4.26 13.04 -8.99
C ASN A 231 -4.05 14.54 -9.13
N LEU A 232 -3.15 14.96 -10.01
CA LEU A 232 -2.90 16.39 -10.20
C LEU A 232 -4.16 17.12 -10.63
N THR A 233 -4.97 16.47 -11.48
CA THR A 233 -6.23 17.06 -11.90
C THR A 233 -7.20 17.21 -10.73
N LEU A 234 -7.24 16.21 -9.83
CA LEU A 234 -8.05 16.32 -8.63
C LEU A 234 -7.56 17.45 -7.72
N TRP A 235 -6.25 17.67 -7.66
CA TRP A 235 -5.64 18.52 -6.65
C TRP A 235 -5.42 19.96 -7.11
N THR A 236 -5.52 20.23 -8.41
CA THR A 236 -5.22 21.57 -8.92
C THR A 236 -6.37 22.12 -9.76
N SER B 2 -8.04 9.86 -3.79
CA SER B 2 -6.82 9.89 -4.59
C SER B 2 -6.47 8.49 -5.12
N TYR B 3 -5.66 8.46 -6.17
CA TYR B 3 -5.31 7.21 -6.81
C TYR B 3 -3.97 6.70 -6.31
N VAL B 5 -1.43 2.79 -6.12
CA VAL B 5 -1.25 1.46 -6.71
C VAL B 5 -0.58 0.49 -5.76
#